data_2OKA
#
_entry.id   2OKA
#
_cell.length_a   54.161
_cell.length_b   81.421
_cell.length_c   92.576
_cell.angle_alpha   90.00
_cell.angle_beta   90.00
_cell.angle_gamma   90.00
#
_symmetry.space_group_name_H-M   'P 21 21 21'
#
loop_
_entity.id
_entity.type
_entity.pdbx_description
1 polymer 'Hypothetical protein'
2 water water
#
_entity_poly.entity_id   1
_entity_poly.type   'polypeptide(L)'
_entity_poly.pdbx_seq_one_letter_code
;MPTAKPEIVITYCTQCQWLLRAAWLAQELLSTFADDLGKVCLEPGTGGVFRITCDGVQVWERKADGGFPEAKALKQRVRD
RIDPQRDLGHNDRPSRLEHHHHHH
;
_entity_poly.pdbx_strand_id   A,B,C,D
#
# COMPACT_ATOMS: atom_id res chain seq x y z
N ALA A 4 -4.89 -16.63 22.56
CA ALA A 4 -4.62 -15.63 21.48
C ALA A 4 -4.52 -16.27 20.10
N LYS A 5 -4.73 -15.45 19.07
CA LYS A 5 -4.64 -15.89 17.68
C LYS A 5 -3.19 -15.79 17.20
N PRO A 6 -2.85 -16.55 16.14
CA PRO A 6 -1.50 -16.55 15.59
C PRO A 6 -0.97 -15.16 15.21
N GLU A 7 0.29 -14.91 15.56
CA GLU A 7 0.92 -13.65 15.26
C GLU A 7 1.96 -13.82 14.15
N ILE A 8 1.86 -12.97 13.13
CA ILE A 8 2.79 -13.00 11.99
C ILE A 8 3.78 -11.84 12.13
N VAL A 9 5.06 -12.11 11.93
CA VAL A 9 6.07 -11.06 12.01
C VAL A 9 6.88 -11.02 10.72
N ILE A 10 6.93 -9.86 10.09
CA ILE A 10 7.66 -9.68 8.86
C ILE A 10 8.83 -8.75 9.16
N THR A 11 10.04 -9.30 9.16
CA THR A 11 11.25 -8.54 9.44
C THR A 11 11.85 -8.19 8.08
N TYR A 12 12.00 -6.91 7.80
CA TYR A 12 12.51 -6.47 6.52
C TYR A 12 13.65 -5.47 6.64
N CYS A 13 14.56 -5.49 5.68
CA CYS A 13 15.70 -4.57 5.66
C CYS A 13 15.20 -3.17 5.27
N THR A 14 15.34 -2.20 6.18
CA THR A 14 14.87 -0.84 5.90
C THR A 14 15.69 -0.08 4.86
N GLN A 15 17.00 -0.18 4.93
CA GLN A 15 17.86 0.52 3.99
C GLN A 15 17.64 -0.02 2.58
N CYS A 16 17.24 -1.28 2.47
CA CYS A 16 16.99 -1.91 1.18
C CYS A 16 15.68 -1.46 0.53
N GLN A 17 14.91 -0.64 1.24
CA GLN A 17 13.63 -0.18 0.72
C GLN A 17 12.64 -1.32 0.56
N TRP A 18 12.63 -2.24 1.52
CA TRP A 18 11.72 -3.37 1.43
C TRP A 18 10.43 -3.21 2.25
N LEU A 19 10.21 -2.00 2.76
CA LEU A 19 9.00 -1.70 3.53
C LEU A 19 7.78 -1.95 2.66
N LEU A 20 7.85 -1.43 1.43
CA LEU A 20 6.78 -1.56 0.45
C LEU A 20 6.30 -2.98 0.27
N ARG A 21 7.21 -3.87 -0.12
CA ARG A 21 6.82 -5.26 -0.32
C ARG A 21 6.40 -5.93 0.99
N ALA A 22 6.97 -5.49 2.11
CA ALA A 22 6.60 -6.08 3.39
C ALA A 22 5.16 -5.72 3.75
N ALA A 23 4.78 -4.46 3.52
CA ALA A 23 3.43 -4.00 3.82
C ALA A 23 2.46 -4.61 2.82
N TRP A 24 2.93 -4.85 1.61
CA TRP A 24 2.07 -5.47 0.60
C TRP A 24 1.70 -6.89 1.06
N LEU A 25 2.70 -7.68 1.41
CA LEU A 25 2.47 -9.04 1.88
C LEU A 25 1.62 -9.07 3.16
N ALA A 26 1.83 -8.10 4.05
CA ALA A 26 1.06 -8.05 5.28
C ALA A 26 -0.42 -7.87 4.94
N GLN A 27 -0.71 -6.98 3.98
CA GLN A 27 -2.09 -6.75 3.59
C GLN A 27 -2.67 -7.96 2.86
N GLU A 28 -1.85 -8.63 2.07
CA GLU A 28 -2.31 -9.83 1.36
C GLU A 28 -2.78 -10.83 2.40
N LEU A 29 -2.00 -10.97 3.47
CA LEU A 29 -2.34 -11.90 4.55
C LEU A 29 -3.54 -11.47 5.37
N LEU A 30 -3.59 -10.20 5.78
CA LEU A 30 -4.69 -9.71 6.60
C LEU A 30 -6.03 -9.68 5.88
N SER A 31 -6.01 -9.66 4.56
CA SER A 31 -7.27 -9.65 3.82
C SER A 31 -7.81 -11.04 3.54
N THR A 32 -6.95 -12.06 3.55
CA THR A 32 -7.45 -13.41 3.32
C THR A 32 -7.63 -14.19 4.64
N PHE A 33 -6.96 -13.77 5.71
CA PHE A 33 -7.05 -14.43 7.02
C PHE A 33 -7.51 -13.43 8.10
N ALA A 34 -8.34 -12.46 7.73
CA ALA A 34 -8.81 -11.45 8.68
C ALA A 34 -9.32 -12.03 10.00
N ASP A 35 -10.06 -13.13 9.92
CA ASP A 35 -10.64 -13.76 11.10
C ASP A 35 -9.73 -14.71 11.89
N ASP A 36 -8.76 -15.29 11.21
CA ASP A 36 -7.87 -16.26 11.84
C ASP A 36 -6.54 -15.73 12.37
N LEU A 37 -6.23 -14.46 12.11
CA LEU A 37 -4.97 -13.88 12.53
C LEU A 37 -5.09 -12.88 13.68
N GLY A 38 -4.22 -13.02 14.68
CA GLY A 38 -4.23 -12.13 15.82
C GLY A 38 -3.75 -10.77 15.36
N LYS A 39 -2.56 -10.75 14.75
CA LYS A 39 -2.01 -9.53 14.22
C LYS A 39 -0.76 -9.76 13.40
N VAL A 40 -0.57 -8.93 12.38
CA VAL A 40 0.59 -9.01 11.53
C VAL A 40 1.49 -7.81 11.83
N CYS A 41 2.73 -8.08 12.18
CA CYS A 41 3.66 -7.02 12.49
C CYS A 41 4.77 -6.82 11.48
N LEU A 42 5.12 -5.56 11.25
CA LEU A 42 6.18 -5.21 10.34
C LEU A 42 7.32 -4.77 11.28
N GLU A 43 8.45 -5.44 11.14
CA GLU A 43 9.60 -5.17 12.00
C GLU A 43 10.83 -4.74 11.23
N PRO A 44 11.22 -3.47 11.38
CA PRO A 44 12.41 -2.97 10.69
C PRO A 44 13.65 -3.76 11.03
N GLY A 45 14.36 -4.23 10.01
CA GLY A 45 15.59 -4.98 10.23
C GLY A 45 16.72 -4.39 9.40
N THR A 46 17.84 -5.07 9.37
CA THR A 46 19.02 -4.61 8.65
C THR A 46 19.59 -5.63 7.74
N GLY A 47 20.55 -5.21 6.95
CA GLY A 47 21.25 -6.14 6.11
C GLY A 47 20.71 -7.31 5.39
N GLY A 48 19.98 -6.96 4.37
CA GLY A 48 19.38 -7.94 3.51
C GLY A 48 18.40 -8.90 4.12
N VAL A 49 18.00 -8.61 5.32
CA VAL A 49 17.05 -9.46 5.99
C VAL A 49 15.62 -9.40 5.48
N PHE A 50 15.02 -10.56 5.22
CA PHE A 50 13.63 -10.61 4.85
C PHE A 50 13.09 -11.95 5.35
N ARG A 51 12.57 -11.95 6.58
CA ARG A 51 12.09 -13.15 7.25
C ARG A 51 10.64 -13.01 7.71
N ILE A 52 9.88 -14.09 7.62
CA ILE A 52 8.50 -14.06 8.07
C ILE A 52 8.26 -15.23 9.01
N THR A 53 7.73 -14.94 10.20
CA THR A 53 7.44 -15.97 11.18
C THR A 53 5.96 -16.01 11.58
N CYS A 54 5.50 -17.20 11.95
CA CYS A 54 4.13 -17.41 12.37
C CYS A 54 4.23 -18.03 13.77
N ASP A 55 3.82 -17.27 14.78
CA ASP A 55 3.93 -17.74 16.16
C ASP A 55 5.34 -18.22 16.45
N GLY A 56 6.34 -17.47 15.95
CA GLY A 56 7.73 -17.81 16.18
C GLY A 56 8.36 -18.74 15.17
N VAL A 57 7.54 -19.51 14.45
CA VAL A 57 8.03 -20.45 13.46
C VAL A 57 8.27 -19.77 12.11
N GLN A 58 9.50 -19.87 11.62
CA GLN A 58 9.86 -19.27 10.33
C GLN A 58 9.02 -19.83 9.18
N VAL A 59 8.38 -18.93 8.44
CA VAL A 59 7.54 -19.32 7.31
C VAL A 59 8.17 -18.90 5.99
N TRP A 60 9.21 -18.08 6.11
CA TRP A 60 9.93 -17.60 4.94
C TRP A 60 11.15 -16.81 5.30
N GLU A 61 12.25 -17.04 4.58
CA GLU A 61 13.43 -16.20 4.68
C GLU A 61 14.06 -16.16 3.32
N ARG A 62 14.68 -15.04 2.99
CA ARG A 62 15.23 -14.81 1.67
C ARG A 62 16.17 -15.82 1.09
N LYS A 63 17.26 -16.06 1.81
CA LYS A 63 18.28 -17.00 1.37
C LYS A 63 17.73 -18.41 1.24
N ALA A 64 17.21 -18.93 2.31
CA ALA A 64 16.60 -20.24 2.30
C ALA A 64 15.68 -20.45 1.13
N ASP A 65 14.68 -19.57 1.03
CA ASP A 65 13.65 -19.68 0.01
C ASP A 65 13.96 -19.06 -1.34
N GLY A 66 15.10 -18.44 -1.40
CA GLY A 66 15.56 -17.82 -2.64
C GLY A 66 14.77 -16.67 -3.21
N GLY A 67 14.73 -15.57 -2.47
CA GLY A 67 14.00 -14.41 -2.94
C GLY A 67 12.80 -14.02 -2.11
N PHE A 68 11.76 -13.53 -2.79
CA PHE A 68 10.59 -13.15 -2.12
C PHE A 68 9.35 -13.85 -2.58
N PRO A 69 8.47 -14.14 -1.65
CA PRO A 69 7.28 -14.92 -1.90
C PRO A 69 6.22 -14.35 -2.84
N GLU A 70 5.55 -15.27 -3.55
CA GLU A 70 4.42 -14.84 -4.37
C GLU A 70 3.31 -14.88 -3.26
N ALA A 71 2.23 -14.13 -3.45
CA ALA A 71 1.17 -14.06 -2.46
C ALA A 71 0.53 -15.41 -2.20
N LYS A 72 0.23 -16.13 -3.26
CA LYS A 72 -0.38 -17.46 -3.15
C LYS A 72 0.52 -18.42 -2.35
N ALA A 73 1.83 -18.39 -2.63
CA ALA A 73 2.74 -19.26 -1.93
C ALA A 73 2.79 -18.96 -0.43
N LEU A 74 2.89 -17.67 -0.09
CA LEU A 74 2.94 -17.27 1.32
C LEU A 74 1.65 -17.59 2.06
N LYS A 75 0.52 -17.41 1.39
CA LYS A 75 -0.78 -17.68 2.01
C LYS A 75 -0.91 -19.17 2.28
N GLN A 76 -0.41 -19.97 1.35
CA GLN A 76 -0.44 -21.42 1.48
C GLN A 76 0.35 -21.86 2.71
N ARG A 77 1.52 -21.27 2.89
CA ARG A 77 2.39 -21.59 4.02
C ARG A 77 1.76 -21.19 5.36
N VAL A 78 1.02 -20.08 5.38
CA VAL A 78 0.37 -19.62 6.61
C VAL A 78 -0.85 -20.51 6.83
N ARG A 79 -1.55 -20.81 5.76
CA ARG A 79 -2.70 -21.70 5.78
C ARG A 79 -2.25 -22.99 6.51
N ASP A 80 -1.29 -23.66 5.99
CA ASP A 80 -0.85 -24.94 6.54
C ASP A 80 -0.59 -24.91 8.04
N ARG A 81 -0.13 -23.78 8.55
CA ARG A 81 0.16 -23.68 9.97
C ARG A 81 -0.98 -23.18 10.83
N ILE A 82 -1.87 -22.42 10.22
CA ILE A 82 -2.99 -21.80 10.94
C ILE A 82 -4.33 -22.48 10.78
N ASP A 83 -4.52 -23.11 9.64
CA ASP A 83 -5.78 -23.78 9.33
C ASP A 83 -5.41 -24.80 8.26
N PRO A 84 -4.74 -25.89 8.65
CA PRO A 84 -4.30 -26.97 7.76
C PRO A 84 -5.27 -27.27 6.63
N GLN A 85 -6.53 -27.49 7.00
CA GLN A 85 -7.58 -27.79 6.06
C GLN A 85 -8.30 -26.51 5.67
N ARG A 86 -8.06 -26.01 4.47
CA ARG A 86 -8.67 -24.78 3.99
C ARG A 86 -8.17 -24.52 2.57
N ASP A 87 -9.06 -24.15 1.68
CA ASP A 87 -8.66 -23.88 0.30
C ASP A 87 -8.40 -22.39 0.04
N ALA B 4 13.38 -3.44 24.50
CA ALA B 4 12.95 -3.47 23.08
C ALA B 4 12.37 -2.12 22.66
N LYS B 5 12.57 -1.75 21.39
CA LYS B 5 12.06 -0.48 20.86
C LYS B 5 10.53 -0.39 20.95
N PRO B 6 9.99 0.83 20.93
CA PRO B 6 8.54 1.05 21.01
C PRO B 6 7.74 0.26 19.98
N GLU B 7 6.63 -0.33 20.44
CA GLU B 7 5.74 -1.11 19.57
C GLU B 7 4.44 -0.34 19.32
N ILE B 8 4.08 -0.21 18.04
CA ILE B 8 2.85 0.48 17.64
C ILE B 8 1.81 -0.55 17.22
N VAL B 9 0.59 -0.42 17.73
CA VAL B 9 -0.48 -1.34 17.36
C VAL B 9 -1.64 -0.57 16.77
N ILE B 10 -2.05 -0.95 15.56
CA ILE B 10 -3.18 -0.31 14.88
C ILE B 10 -4.30 -1.33 14.79
N THR B 11 -5.37 -1.07 15.55
CA THR B 11 -6.55 -1.95 15.60
C THR B 11 -7.58 -1.35 14.66
N TYR B 12 -7.99 -2.12 13.66
CA TYR B 12 -8.90 -1.63 12.64
C TYR B 12 -10.08 -2.57 12.42
N CYS B 13 -11.22 -1.99 12.08
CA CYS B 13 -12.43 -2.75 11.83
C CYS B 13 -12.29 -3.41 10.44
N THR B 14 -12.25 -4.73 10.39
CA THR B 14 -12.09 -5.43 9.13
C THR B 14 -13.30 -5.35 8.20
N GLN B 15 -14.51 -5.51 8.74
CA GLN B 15 -15.70 -5.45 7.92
C GLN B 15 -15.89 -4.06 7.33
N CYS B 16 -15.37 -3.06 8.03
CA CYS B 16 -15.47 -1.68 7.57
C CYS B 16 -14.52 -1.37 6.42
N GLN B 17 -13.66 -2.33 6.06
CA GLN B 17 -12.69 -2.14 4.98
C GLN B 17 -11.65 -1.10 5.37
N TRP B 18 -11.21 -1.11 6.62
CA TRP B 18 -10.23 -0.14 7.06
C TRP B 18 -8.79 -0.63 7.03
N LEU B 19 -8.58 -1.81 6.47
CA LEU B 19 -7.24 -2.38 6.35
C LEU B 19 -6.36 -1.43 5.56
N LEU B 20 -6.88 -0.96 4.43
CA LEU B 20 -6.18 -0.06 3.54
C LEU B 20 -5.58 1.13 4.27
N ARG B 21 -6.43 1.94 4.89
CA ARG B 21 -5.96 3.12 5.61
C ARG B 21 -5.08 2.73 6.80
N ALA B 22 -5.29 1.56 7.37
CA ALA B 22 -4.46 1.12 8.50
C ALA B 22 -3.05 0.80 8.01
N ALA B 23 -2.96 0.09 6.89
CA ALA B 23 -1.66 -0.26 6.31
C ALA B 23 -0.95 0.99 5.79
N TRP B 24 -1.73 1.97 5.33
CA TRP B 24 -1.17 3.23 4.83
C TRP B 24 -0.48 3.97 6.00
N LEU B 25 -1.20 4.14 7.12
CA LEU B 25 -0.63 4.81 8.27
C LEU B 25 0.57 4.04 8.85
N ALA B 26 0.51 2.71 8.79
CA ALA B 26 1.63 1.90 9.30
C ALA B 26 2.87 2.21 8.49
N GLN B 27 2.71 2.28 7.17
CA GLN B 27 3.84 2.59 6.29
C GLN B 27 4.33 4.02 6.51
N GLU B 28 3.39 4.96 6.71
CA GLU B 28 3.78 6.35 6.95
C GLU B 28 4.69 6.39 8.17
N LEU B 29 4.33 5.64 9.21
CA LEU B 29 5.12 5.61 10.43
C LEU B 29 6.46 4.89 10.28
N LEU B 30 6.45 3.72 9.65
CA LEU B 30 7.65 2.93 9.45
C LEU B 30 8.69 3.60 8.56
N SER B 31 8.25 4.50 7.69
CA SER B 31 9.20 5.16 6.81
C SER B 31 9.82 6.40 7.45
N THR B 32 9.14 7.01 8.40
CA THR B 32 9.73 8.20 9.03
C THR B 32 10.42 7.85 10.36
N PHE B 33 10.09 6.70 10.94
CA PHE B 33 10.69 6.28 12.22
C PHE B 33 11.34 4.90 12.08
N ALA B 34 11.86 4.60 10.89
CA ALA B 34 12.48 3.30 10.65
C ALA B 34 13.44 2.84 11.74
N ASP B 35 14.27 3.76 12.22
CA ASP B 35 15.27 3.42 13.24
C ASP B 35 14.77 3.42 14.68
N ASP B 36 13.74 4.20 14.96
CA ASP B 36 13.24 4.31 16.32
C ASP B 36 12.08 3.41 16.71
N LEU B 37 11.56 2.64 15.76
CA LEU B 37 10.42 1.75 16.05
C LEU B 37 10.77 0.28 16.06
N GLY B 38 10.28 -0.45 17.06
CA GLY B 38 10.54 -1.87 17.17
C GLY B 38 9.76 -2.56 16.07
N LYS B 39 8.46 -2.31 16.08
CA LYS B 39 7.59 -2.87 15.05
C LYS B 39 6.19 -2.29 15.10
N VAL B 40 5.56 -2.22 13.94
CA VAL B 40 4.21 -1.71 13.82
C VAL B 40 3.30 -2.87 13.48
N CYS B 41 2.28 -3.10 14.30
CA CYS B 41 1.37 -4.20 14.06
C CYS B 41 -0.04 -3.78 13.65
N LEU B 42 -0.60 -4.55 12.73
CA LEU B 42 -1.94 -4.32 12.25
C LEU B 42 -2.76 -5.42 12.91
N GLU B 43 -3.77 -5.01 13.67
CA GLU B 43 -4.61 -5.95 14.40
C GLU B 43 -6.07 -5.89 14.00
N PRO B 44 -6.56 -6.93 13.32
CA PRO B 44 -7.96 -6.94 12.91
C PRO B 44 -8.91 -6.80 14.09
N GLY B 45 -9.92 -5.95 13.93
CA GLY B 45 -10.90 -5.74 14.97
C GLY B 45 -12.30 -5.71 14.38
N THR B 46 -13.25 -5.19 15.14
CA THR B 46 -14.63 -5.12 14.68
C THR B 46 -15.36 -3.92 15.24
N GLY B 47 -16.63 -3.79 14.88
CA GLY B 47 -17.45 -2.71 15.38
C GLY B 47 -16.94 -1.30 15.26
N GLY B 48 -16.56 -0.90 14.06
CA GLY B 48 -16.11 0.48 13.86
C GLY B 48 -14.90 0.89 14.63
N VAL B 49 -14.10 -0.04 15.06
CA VAL B 49 -12.90 0.30 15.80
C VAL B 49 -11.77 0.86 14.96
N PHE B 50 -11.09 1.90 15.47
CA PHE B 50 -9.89 2.41 14.85
C PHE B 50 -9.05 3.04 15.96
N ARG B 51 -8.18 2.22 16.55
CA ARG B 51 -7.35 2.62 17.67
C ARG B 51 -5.87 2.43 17.37
N ILE B 52 -5.04 3.32 17.91
CA ILE B 52 -3.61 3.21 17.70
C ILE B 52 -2.91 3.39 19.05
N THR B 53 -2.05 2.45 19.42
CA THR B 53 -1.34 2.54 20.68
C THR B 53 0.17 2.49 20.47
N CYS B 54 0.89 3.10 21.39
CA CYS B 54 2.34 3.14 21.36
C CYS B 54 2.78 2.58 22.72
N ASP B 55 3.38 1.39 22.71
CA ASP B 55 3.79 0.75 23.95
C ASP B 55 2.62 0.71 24.93
N GLY B 56 1.44 0.40 24.42
CA GLY B 56 0.25 0.29 25.24
C GLY B 56 -0.53 1.57 25.45
N VAL B 57 0.11 2.72 25.25
CA VAL B 57 -0.54 4.00 25.44
C VAL B 57 -1.28 4.45 24.17
N GLN B 58 -2.57 4.71 24.32
CA GLN B 58 -3.41 5.14 23.20
C GLN B 58 -2.93 6.46 22.61
N VAL B 59 -2.67 6.45 21.31
CA VAL B 59 -2.21 7.65 20.61
C VAL B 59 -3.29 8.16 19.67
N TRP B 60 -4.32 7.34 19.48
CA TRP B 60 -5.43 7.74 18.63
C TRP B 60 -6.58 6.78 18.75
N GLU B 61 -7.80 7.31 18.68
CA GLU B 61 -9.02 6.50 18.75
C GLU B 61 -10.09 7.26 17.97
N ARG B 62 -10.67 6.60 16.97
CA ARG B 62 -11.66 7.20 16.11
C ARG B 62 -12.65 8.17 16.77
N LYS B 63 -13.43 7.69 17.72
CA LYS B 63 -14.41 8.51 18.40
C LYS B 63 -13.80 9.68 19.17
N ALA B 64 -12.87 9.37 20.06
CA ALA B 64 -12.21 10.38 20.85
C ALA B 64 -11.59 11.51 20.02
N ASP B 65 -10.83 11.16 18.99
CA ASP B 65 -10.18 12.17 18.14
C ASP B 65 -11.00 12.58 16.93
N GLY B 66 -12.20 12.03 16.83
CA GLY B 66 -13.11 12.36 15.74
C GLY B 66 -12.69 12.06 14.31
N GLY B 67 -12.59 10.77 14.00
CA GLY B 67 -12.22 10.39 12.65
C GLY B 67 -10.86 9.73 12.54
N PHE B 68 -10.24 9.89 11.37
CA PHE B 68 -8.93 9.30 11.11
C PHE B 68 -7.86 10.36 11.02
N PRO B 69 -6.66 10.04 11.52
CA PRO B 69 -5.53 10.94 11.53
C PRO B 69 -4.88 11.28 10.20
N GLU B 70 -4.34 12.50 10.12
CA GLU B 70 -3.61 12.94 8.96
C GLU B 70 -2.24 12.37 9.31
N ALA B 71 -1.45 12.00 8.30
CA ALA B 71 -0.14 11.42 8.57
C ALA B 71 0.71 12.30 9.48
N LYS B 72 0.76 13.60 9.18
CA LYS B 72 1.54 14.53 9.99
C LYS B 72 1.12 14.50 11.45
N ALA B 73 -0.19 14.61 11.70
CA ALA B 73 -0.70 14.61 13.06
C ALA B 73 -0.31 13.34 13.80
N LEU B 74 -0.45 12.18 13.15
CA LEU B 74 -0.11 10.91 13.81
C LEU B 74 1.38 10.81 14.09
N LYS B 75 2.21 11.28 13.16
CA LYS B 75 3.65 11.22 13.33
C LYS B 75 4.06 12.09 14.50
N GLN B 76 3.41 13.24 14.63
CA GLN B 76 3.70 14.17 15.72
C GLN B 76 3.42 13.54 17.07
N ARG B 77 2.30 12.83 17.16
CA ARG B 77 1.93 12.17 18.41
C ARG B 77 2.86 11.02 18.75
N VAL B 78 3.36 10.33 17.74
CA VAL B 78 4.28 9.23 18.00
C VAL B 78 5.64 9.81 18.33
N ARG B 79 5.99 10.92 17.68
CA ARG B 79 7.25 11.58 17.94
C ARG B 79 7.29 12.02 19.41
N ASP B 80 6.25 12.70 19.87
CA ASP B 80 6.20 13.16 21.26
C ASP B 80 6.42 12.06 22.29
N ARG B 81 6.01 10.84 21.97
CA ARG B 81 6.16 9.74 22.91
C ARG B 81 7.45 8.95 22.74
N ILE B 82 7.98 8.95 21.53
CA ILE B 82 9.17 8.17 21.22
C ILE B 82 10.46 8.94 21.15
N ASP B 83 10.37 10.19 20.80
CA ASP B 83 11.54 11.05 20.65
C ASP B 83 11.00 12.47 20.79
N PRO B 84 10.64 12.87 22.02
CA PRO B 84 10.11 14.20 22.35
C PRO B 84 10.70 15.33 21.52
N GLN B 85 12.02 15.40 21.51
CA GLN B 85 12.75 16.41 20.76
C GLN B 85 13.12 15.87 19.39
N ARG B 86 12.44 16.33 18.35
CA ARG B 86 12.68 15.87 16.99
C ARG B 86 11.72 16.61 16.07
N ASP B 87 12.22 17.10 14.94
CA ASP B 87 11.37 17.81 14.01
C ASP B 87 10.83 16.92 12.88
N ALA C 4 -15.17 4.71 -23.19
CA ALA C 4 -14.08 4.73 -22.17
C ALA C 4 -14.56 5.31 -20.84
N LYS C 5 -14.28 4.59 -19.77
CA LYS C 5 -14.68 4.97 -18.43
C LYS C 5 -13.86 6.14 -17.85
N PRO C 6 -14.41 6.81 -16.83
CA PRO C 6 -13.73 7.95 -16.20
C PRO C 6 -12.32 7.66 -15.74
N GLU C 7 -11.42 8.60 -16.02
CA GLU C 7 -10.02 8.47 -15.64
C GLU C 7 -9.70 9.41 -14.48
N ILE C 8 -9.09 8.86 -13.43
CA ILE C 8 -8.71 9.65 -12.25
C ILE C 8 -7.21 9.86 -12.29
N VAL C 9 -6.76 11.08 -12.02
CA VAL C 9 -5.34 11.37 -11.99
C VAL C 9 -4.99 12.03 -10.66
N ILE C 10 -4.03 11.43 -9.97
CA ILE C 10 -3.57 11.95 -8.69
C ILE C 10 -2.15 12.44 -8.90
N THR C 11 -1.96 13.77 -8.83
CA THR C 11 -0.64 14.39 -9.01
C THR C 11 -0.11 14.72 -7.63
N TYR C 12 1.02 14.12 -7.28
CA TYR C 12 1.60 14.28 -5.94
C TYR C 12 3.05 14.71 -5.96
N CYS C 13 3.44 15.45 -4.94
CA CYS C 13 4.80 15.94 -4.81
C CYS C 13 5.71 14.78 -4.37
N THR C 14 6.66 14.39 -5.23
CA THR C 14 7.54 13.27 -4.91
C THR C 14 8.54 13.53 -3.81
N GLN C 15 9.16 14.70 -3.81
CA GLN C 15 10.13 15.01 -2.77
C GLN C 15 9.45 15.13 -1.41
N CYS C 16 8.15 15.44 -1.43
CA CYS C 16 7.41 15.56 -0.17
C CYS C 16 7.06 14.21 0.43
N GLN C 17 7.40 13.14 -0.27
CA GLN C 17 7.08 11.80 0.21
C GLN C 17 5.57 11.58 0.27
N TRP C 18 4.85 12.06 -0.74
CA TRP C 18 3.41 11.88 -0.76
C TRP C 18 2.93 10.71 -1.64
N LEU C 19 3.86 9.88 -2.09
CA LEU C 19 3.52 8.72 -2.91
C LEU C 19 2.62 7.80 -2.09
N LEU C 20 3.01 7.56 -0.85
CA LEU C 20 2.28 6.70 0.05
C LEU C 20 0.79 7.06 0.13
N ARG C 21 0.49 8.29 0.55
CA ARG C 21 -0.90 8.71 0.67
C ARG C 21 -1.59 8.74 -0.70
N ALA C 22 -0.84 8.99 -1.77
CA ALA C 22 -1.43 9.03 -3.10
C ALA C 22 -1.85 7.63 -3.52
N ALA C 23 -1.00 6.63 -3.27
CA ALA C 23 -1.32 5.24 -3.61
C ALA C 23 -2.43 4.71 -2.69
N TRP C 24 -2.46 5.20 -1.45
CA TRP C 24 -3.52 4.80 -0.53
C TRP C 24 -4.87 5.27 -1.08
N LEU C 25 -4.97 6.54 -1.44
CA LEU C 25 -6.22 7.08 -1.98
C LEU C 25 -6.62 6.41 -3.28
N ALA C 26 -5.64 6.08 -4.13
CA ALA C 26 -5.92 5.42 -5.40
C ALA C 26 -6.57 4.06 -5.13
N GLN C 27 -6.04 3.32 -4.15
CA GLN C 27 -6.59 2.01 -3.82
C GLN C 27 -7.97 2.17 -3.16
N GLU C 28 -8.16 3.20 -2.35
CA GLU C 28 -9.46 3.44 -1.73
C GLU C 28 -10.49 3.58 -2.85
N LEU C 29 -10.15 4.36 -3.88
CA LEU C 29 -11.04 4.58 -5.02
C LEU C 29 -11.25 3.34 -5.88
N LEU C 30 -10.17 2.65 -6.25
CA LEU C 30 -10.27 1.46 -7.09
C LEU C 30 -11.02 0.30 -6.44
N SER C 31 -11.05 0.26 -5.11
CA SER C 31 -11.76 -0.82 -4.45
C SER C 31 -13.25 -0.52 -4.30
N THR C 32 -13.65 0.74 -4.24
CA THR C 32 -15.08 1.02 -4.12
C THR C 32 -15.75 1.32 -5.47
N PHE C 33 -14.97 1.68 -6.50
CA PHE C 33 -15.49 1.96 -7.84
C PHE C 33 -14.84 1.07 -8.89
N ALA C 34 -14.45 -0.14 -8.52
CA ALA C 34 -13.79 -1.06 -9.45
C ALA C 34 -14.45 -1.17 -10.81
N ASP C 35 -15.78 -1.23 -10.83
CA ASP C 35 -16.53 -1.36 -12.08
C ASP C 35 -16.78 -0.07 -12.85
N ASP C 36 -16.83 1.06 -12.14
CA ASP C 36 -17.11 2.35 -12.76
C ASP C 36 -15.93 3.20 -13.18
N LEU C 37 -14.71 2.77 -12.85
CA LEU C 37 -13.53 3.55 -13.20
C LEU C 37 -12.68 2.91 -14.31
N GLY C 38 -12.26 3.75 -15.26
CA GLY C 38 -11.44 3.28 -16.36
C GLY C 38 -10.07 2.95 -15.80
N LYS C 39 -9.47 3.94 -15.16
CA LYS C 39 -8.17 3.75 -14.53
C LYS C 39 -7.77 4.93 -13.65
N VAL C 40 -7.01 4.62 -12.61
CA VAL C 40 -6.54 5.64 -11.70
C VAL C 40 -5.04 5.75 -11.88
N CYS C 41 -4.58 6.97 -12.17
CA CYS C 41 -3.16 7.20 -12.39
C CYS C 41 -2.50 8.03 -11.30
N LEU C 42 -1.27 7.65 -11.00
CA LEU C 42 -0.45 8.34 -10.03
C LEU C 42 0.58 9.08 -10.89
N GLU C 43 0.61 10.39 -10.74
CA GLU C 43 1.50 11.22 -11.52
C GLU C 43 2.47 12.02 -10.64
N PRO C 44 3.76 11.67 -10.69
CA PRO C 44 4.74 12.40 -9.88
C PRO C 44 4.77 13.88 -10.25
N GLY C 45 4.85 14.72 -9.24
CA GLY C 45 4.89 16.15 -9.43
C GLY C 45 5.90 16.76 -8.47
N THR C 46 5.83 18.08 -8.30
CA THR C 46 6.76 18.78 -7.42
C THR C 46 6.10 19.97 -6.72
N GLY C 47 6.89 20.65 -5.90
CA GLY C 47 6.42 21.84 -5.21
C GLY C 47 5.15 21.76 -4.40
N GLY C 48 5.08 20.78 -3.50
CA GLY C 48 3.92 20.66 -2.65
C GLY C 48 2.61 20.45 -3.37
N VAL C 49 2.66 19.96 -4.60
CA VAL C 49 1.43 19.71 -5.33
C VAL C 49 0.71 18.44 -4.86
N PHE C 50 -0.62 18.51 -4.78
CA PHE C 50 -1.44 17.37 -4.46
C PHE C 50 -2.83 17.67 -5.00
N ARG C 51 -3.05 17.28 -6.26
CA ARG C 51 -4.30 17.51 -6.95
C ARG C 51 -4.88 16.20 -7.49
N ILE C 52 -6.20 16.13 -7.57
CA ILE C 52 -6.87 14.95 -8.07
C ILE C 52 -7.93 15.39 -9.09
N THR C 53 -7.89 14.79 -10.28
CA THR C 53 -8.85 15.13 -11.33
C THR C 53 -9.63 13.90 -11.79
N CYS C 54 -10.84 14.14 -12.26
CA CYS C 54 -11.71 13.09 -12.76
C CYS C 54 -12.10 13.55 -14.17
N ASP C 55 -11.60 12.82 -15.18
CA ASP C 55 -11.85 13.19 -16.58
C ASP C 55 -11.50 14.65 -16.81
N GLY C 56 -10.37 15.09 -16.23
CA GLY C 56 -9.92 16.46 -16.42
C GLY C 56 -10.44 17.47 -15.42
N VAL C 57 -11.55 17.15 -14.76
CA VAL C 57 -12.14 18.06 -13.78
C VAL C 57 -11.55 17.87 -12.39
N GLN C 58 -11.04 18.95 -11.82
CA GLN C 58 -10.44 18.91 -10.50
C GLN C 58 -11.43 18.53 -9.43
N VAL C 59 -11.12 17.48 -8.68
CA VAL C 59 -11.97 17.00 -7.61
C VAL C 59 -11.35 17.29 -6.24
N TRP C 60 -10.07 17.66 -6.25
CA TRP C 60 -9.39 17.99 -5.03
C TRP C 60 -8.06 18.65 -5.31
N GLU C 61 -7.69 19.60 -4.46
CA GLU C 61 -6.42 20.32 -4.56
C GLU C 61 -6.05 20.76 -3.15
N ARG C 62 -4.85 20.37 -2.71
CA ARG C 62 -4.36 20.66 -1.38
C ARG C 62 -4.72 22.04 -0.81
N LYS C 63 -4.26 23.10 -1.46
CA LYS C 63 -4.52 24.46 -1.00
C LYS C 63 -6.01 24.82 -0.99
N ALA C 64 -6.68 24.65 -2.12
CA ALA C 64 -8.09 24.96 -2.22
C ALA C 64 -8.92 24.26 -1.15
N ASP C 65 -8.73 22.95 -1.00
CA ASP C 65 -9.52 22.17 -0.04
C ASP C 65 -8.88 22.07 1.33
N GLY C 66 -7.74 22.73 1.50
CA GLY C 66 -7.06 22.75 2.79
C GLY C 66 -6.54 21.44 3.35
N GLY C 67 -5.59 20.83 2.67
CA GLY C 67 -5.04 19.60 3.17
C GLY C 67 -5.29 18.39 2.31
N PHE C 68 -5.44 17.24 2.97
CA PHE C 68 -5.67 16.02 2.27
C PHE C 68 -7.01 15.40 2.58
N PRO C 69 -7.64 14.79 1.58
CA PRO C 69 -8.96 14.19 1.75
C PRO C 69 -9.10 12.93 2.60
N GLU C 70 -10.24 12.85 3.27
CA GLU C 70 -10.59 11.67 4.03
C GLU C 70 -11.11 10.77 2.92
N ALA C 71 -10.94 9.46 3.03
CA ALA C 71 -11.41 8.56 1.99
C ALA C 71 -12.87 8.77 1.65
N LYS C 72 -13.71 8.88 2.68
CA LYS C 72 -15.13 9.07 2.47
C LYS C 72 -15.42 10.33 1.65
N ALA C 73 -14.83 11.44 2.05
CA ALA C 73 -15.03 12.69 1.33
C ALA C 73 -14.61 12.60 -0.14
N LEU C 74 -13.46 11.98 -0.41
CA LEU C 74 -12.99 11.86 -1.79
C LEU C 74 -13.91 10.95 -2.60
N LYS C 75 -14.40 9.88 -1.98
CA LYS C 75 -15.27 8.93 -2.68
C LYS C 75 -16.59 9.61 -3.04
N GLN C 76 -17.05 10.46 -2.14
CA GLN C 76 -18.30 11.18 -2.34
C GLN C 76 -18.18 12.11 -3.55
N ARG C 77 -17.04 12.79 -3.65
CA ARG C 77 -16.81 13.72 -4.74
C ARG C 77 -16.68 12.99 -6.08
N VAL C 78 -16.09 11.81 -6.06
CA VAL C 78 -15.94 11.05 -7.29
C VAL C 78 -17.29 10.44 -7.63
N ARG C 79 -18.06 10.05 -6.61
CA ARG C 79 -19.37 9.50 -6.84
C ARG C 79 -20.26 10.53 -7.54
N ASP C 80 -20.32 11.74 -7.00
CA ASP C 80 -21.13 12.79 -7.59
C ASP C 80 -20.86 13.03 -9.08
N ARG C 81 -19.63 12.82 -9.50
CA ARG C 81 -19.26 13.06 -10.90
C ARG C 81 -19.39 11.84 -11.79
N ILE C 82 -19.25 10.66 -11.19
CA ILE C 82 -19.27 9.41 -11.93
C ILE C 82 -20.58 8.65 -11.89
N ASP C 83 -21.29 8.78 -10.78
CA ASP C 83 -22.54 8.07 -10.56
C ASP C 83 -23.28 8.92 -9.53
N PRO C 84 -23.81 10.08 -9.95
CA PRO C 84 -24.56 11.01 -9.10
C PRO C 84 -25.40 10.33 -8.03
N GLN C 85 -26.22 9.40 -8.48
CA GLN C 85 -27.09 8.68 -7.61
C GLN C 85 -26.41 7.35 -7.21
N ARG C 86 -25.96 7.26 -5.97
CA ARG C 86 -25.29 6.08 -5.46
C ARG C 86 -25.01 6.33 -3.99
N ASP C 87 -25.53 5.43 -3.16
CA ASP C 87 -25.37 5.53 -1.73
C ASP C 87 -24.15 4.71 -1.29
N ALA D 4 6.96 14.34 -23.36
CA ALA D 4 6.04 13.53 -22.51
C ALA D 4 6.79 12.37 -21.88
N LYS D 5 6.80 12.30 -20.55
CA LYS D 5 7.52 11.20 -19.92
C LYS D 5 6.77 9.89 -20.14
N PRO D 6 7.49 8.77 -20.09
CA PRO D 6 6.92 7.44 -20.29
C PRO D 6 5.75 7.15 -19.35
N GLU D 7 4.71 6.54 -19.90
CA GLU D 7 3.53 6.19 -19.12
C GLU D 7 3.46 4.67 -18.93
N ILE D 8 3.29 4.24 -17.69
CA ILE D 8 3.19 2.82 -17.35
C ILE D 8 1.72 2.50 -17.07
N VAL D 9 1.23 1.39 -17.62
CA VAL D 9 -0.15 0.99 -17.37
C VAL D 9 -0.17 -0.43 -16.84
N ILE D 10 -0.82 -0.62 -15.69
CA ILE D 10 -0.93 -1.93 -15.06
C ILE D 10 -2.40 -2.33 -15.10
N THR D 11 -2.72 -3.32 -15.95
CA THR D 11 -4.08 -3.81 -16.11
C THR D 11 -4.18 -5.07 -15.27
N TYR D 12 -5.06 -5.05 -14.27
CA TYR D 12 -5.21 -6.19 -13.38
C TYR D 12 -6.65 -6.67 -13.26
N CYS D 13 -6.81 -7.95 -12.96
CA CYS D 13 -8.14 -8.55 -12.79
C CYS D 13 -8.72 -8.12 -11.45
N THR D 14 -9.84 -7.41 -11.46
CA THR D 14 -10.42 -6.94 -10.21
C THR D 14 -11.06 -8.04 -9.37
N GLN D 15 -11.78 -8.94 -10.01
CA GLN D 15 -12.42 -10.02 -9.29
C GLN D 15 -11.39 -10.92 -8.65
N CYS D 16 -10.21 -11.01 -9.27
CA CYS D 16 -9.16 -11.87 -8.73
C CYS D 16 -8.49 -11.28 -7.50
N GLN D 17 -8.86 -10.06 -7.12
CA GLN D 17 -8.25 -9.39 -5.97
C GLN D 17 -6.79 -9.07 -6.23
N TRP D 18 -6.48 -8.61 -7.44
CA TRP D 18 -5.09 -8.31 -7.76
C TRP D 18 -4.75 -6.82 -7.66
N LEU D 19 -5.69 -6.02 -7.13
CA LEU D 19 -5.47 -4.59 -6.94
C LEU D 19 -4.25 -4.39 -6.06
N LEU D 20 -4.22 -5.14 -4.97
CA LEU D 20 -3.14 -5.08 -3.99
C LEU D 20 -1.77 -5.18 -4.63
N ARG D 21 -1.50 -6.29 -5.30
CA ARG D 21 -0.22 -6.49 -5.94
C ARG D 21 0.03 -5.48 -7.05
N ALA D 22 -1.03 -5.02 -7.69
CA ALA D 22 -0.88 -4.04 -8.76
C ALA D 22 -0.42 -2.69 -8.19
N ALA D 23 -1.01 -2.28 -7.08
CA ALA D 23 -0.65 -1.02 -6.45
C ALA D 23 0.73 -1.13 -5.80
N TRP D 24 1.10 -2.34 -5.37
CA TRP D 24 2.42 -2.54 -4.78
C TRP D 24 3.48 -2.32 -5.88
N LEU D 25 3.30 -2.97 -7.02
CA LEU D 25 4.26 -2.80 -8.12
C LEU D 25 4.29 -1.34 -8.62
N ALA D 26 3.14 -0.68 -8.65
CA ALA D 26 3.11 0.71 -9.09
C ALA D 26 3.97 1.57 -8.16
N GLN D 27 3.86 1.34 -6.86
CA GLN D 27 4.66 2.11 -5.89
C GLN D 27 6.13 1.74 -5.99
N GLU D 28 6.43 0.45 -6.23
CA GLU D 28 7.83 0.02 -6.38
C GLU D 28 8.44 0.83 -7.54
N LEU D 29 7.69 0.96 -8.64
CA LEU D 29 8.15 1.71 -9.80
C LEU D 29 8.26 3.21 -9.58
N LEU D 30 7.21 3.81 -9.00
CA LEU D 30 7.20 5.25 -8.74
C LEU D 30 8.25 5.73 -7.76
N SER D 31 8.69 4.85 -6.87
CA SER D 31 9.69 5.25 -5.90
C SER D 31 11.12 5.11 -6.44
N THR D 32 11.32 4.26 -7.45
CA THR D 32 12.67 4.14 -7.98
C THR D 32 12.87 4.95 -9.25
N PHE D 33 11.78 5.30 -9.94
CA PHE D 33 11.84 6.11 -11.18
C PHE D 33 11.00 7.38 -11.03
N ALA D 34 10.95 7.94 -9.82
CA ALA D 34 10.15 9.14 -9.58
C ALA D 34 10.36 10.25 -10.60
N ASP D 35 11.62 10.47 -10.99
CA ASP D 35 11.95 11.54 -11.93
C ASP D 35 11.82 11.20 -13.41
N ASP D 36 11.89 9.92 -13.75
CA ASP D 36 11.82 9.51 -15.15
C ASP D 36 10.48 9.03 -15.67
N LEU D 37 9.49 8.90 -14.79
CA LEU D 37 8.16 8.43 -15.18
C LEU D 37 7.10 9.54 -15.21
N GLY D 38 6.32 9.55 -16.29
CA GLY D 38 5.27 10.54 -16.43
C GLY D 38 4.18 10.20 -15.44
N LYS D 39 3.69 8.98 -15.52
CA LYS D 39 2.67 8.51 -14.59
C LYS D 39 2.42 7.02 -14.71
N VAL D 40 2.08 6.41 -13.59
CA VAL D 40 1.78 4.99 -13.57
C VAL D 40 0.29 4.84 -13.32
N CYS D 41 -0.40 4.13 -14.21
CA CYS D 41 -1.83 3.94 -14.07
C CYS D 41 -2.24 2.52 -13.72
N LEU D 42 -3.26 2.41 -12.89
CA LEU D 42 -3.80 1.12 -12.51
C LEU D 42 -5.12 1.06 -13.28
N GLU D 43 -5.28 0.02 -14.08
CA GLU D 43 -6.47 -0.15 -14.90
C GLU D 43 -7.21 -1.42 -14.61
N PRO D 44 -8.40 -1.32 -13.99
CA PRO D 44 -9.17 -2.53 -13.69
C PRO D 44 -9.50 -3.32 -14.95
N GLY D 45 -9.33 -4.63 -14.86
CA GLY D 45 -9.61 -5.52 -15.96
C GLY D 45 -10.37 -6.74 -15.48
N THR D 46 -10.40 -7.78 -16.31
CA THR D 46 -11.10 -9.01 -15.96
C THR D 46 -10.42 -10.26 -16.50
N GLY D 47 -11.01 -11.40 -16.20
CA GLY D 47 -10.52 -12.67 -16.69
C GLY D 47 -9.05 -12.99 -16.50
N GLY D 48 -8.60 -12.99 -15.25
CA GLY D 48 -7.22 -13.31 -14.96
C GLY D 48 -6.15 -12.49 -15.66
N VAL D 49 -6.51 -11.29 -16.10
CA VAL D 49 -5.55 -10.44 -16.78
C VAL D 49 -4.57 -9.77 -15.81
N PHE D 50 -3.31 -9.69 -16.22
CA PHE D 50 -2.29 -8.99 -15.45
C PHE D 50 -1.18 -8.63 -16.42
N ARG D 51 -1.33 -7.47 -17.04
CA ARG D 51 -0.37 -7.00 -18.02
C ARG D 51 0.16 -5.61 -17.67
N ILE D 52 1.40 -5.35 -18.05
CA ILE D 52 2.03 -4.07 -17.77
C ILE D 52 2.67 -3.53 -19.04
N THR D 53 2.34 -2.30 -19.39
CA THR D 53 2.89 -1.68 -20.59
C THR D 53 3.65 -0.38 -20.27
N CYS D 54 4.63 -0.07 -21.12
CA CYS D 54 5.43 1.14 -20.97
C CYS D 54 5.30 1.84 -22.31
N ASP D 55 4.61 2.98 -22.33
CA ASP D 55 4.38 3.72 -23.56
C ASP D 55 3.79 2.80 -24.63
N GLY D 56 2.86 1.94 -24.21
CA GLY D 56 2.20 1.04 -25.14
C GLY D 56 2.87 -0.31 -25.34
N VAL D 57 4.16 -0.37 -25.07
CA VAL D 57 4.92 -1.61 -25.24
C VAL D 57 4.80 -2.51 -24.02
N GLN D 58 4.35 -3.75 -24.25
CA GLN D 58 4.19 -4.72 -23.17
C GLN D 58 5.51 -5.04 -22.49
N VAL D 59 5.55 -4.89 -21.18
CA VAL D 59 6.74 -5.17 -20.39
C VAL D 59 6.54 -6.39 -19.51
N TRP D 60 5.29 -6.83 -19.43
CA TRP D 60 4.96 -8.01 -18.64
C TRP D 60 3.53 -8.45 -18.89
N GLU D 61 3.33 -9.76 -18.89
CA GLU D 61 2.01 -10.36 -19.07
C GLU D 61 2.03 -11.70 -18.34
N ARG D 62 1.08 -11.88 -17.43
CA ARG D 62 1.00 -13.08 -16.61
C ARG D 62 1.34 -14.40 -17.30
N LYS D 63 0.58 -14.76 -18.33
CA LYS D 63 0.81 -16.02 -19.03
C LYS D 63 2.17 -16.09 -19.69
N ALA D 64 2.47 -15.10 -20.52
CA ALA D 64 3.74 -15.04 -21.23
C ALA D 64 4.94 -15.16 -20.31
N ASP D 65 4.97 -14.38 -19.24
CA ASP D 65 6.10 -14.41 -18.31
C ASP D 65 5.93 -15.37 -17.15
N GLY D 66 4.80 -16.10 -17.17
CA GLY D 66 4.52 -17.09 -16.14
C GLY D 66 4.39 -16.63 -14.70
N GLY D 67 3.34 -15.87 -14.42
CA GLY D 67 3.11 -15.40 -13.07
C GLY D 67 3.27 -13.90 -12.87
N PHE D 68 3.67 -13.52 -11.66
CA PHE D 68 3.84 -12.11 -11.33
C PHE D 68 5.29 -11.75 -11.13
N PRO D 69 5.69 -10.55 -11.54
CA PRO D 69 7.07 -10.09 -11.42
C PRO D 69 7.60 -9.78 -10.04
N GLU D 70 8.90 -10.01 -9.88
CA GLU D 70 9.60 -9.65 -8.66
C GLU D 70 9.87 -8.17 -8.93
N ALA D 71 9.89 -7.35 -7.89
CA ALA D 71 10.13 -5.92 -8.07
C ALA D 71 11.41 -5.66 -8.88
N LYS D 72 12.49 -6.32 -8.52
CA LYS D 72 13.75 -6.13 -9.24
C LYS D 72 13.59 -6.40 -10.73
N ALA D 73 12.99 -7.54 -11.06
CA ALA D 73 12.81 -7.93 -12.45
C ALA D 73 12.01 -6.90 -13.24
N LEU D 74 10.94 -6.41 -12.65
CA LEU D 74 10.09 -5.42 -13.31
C LEU D 74 10.83 -4.09 -13.48
N LYS D 75 11.61 -3.70 -12.48
CA LYS D 75 12.34 -2.45 -12.55
C LYS D 75 13.38 -2.52 -13.66
N GLN D 76 14.01 -3.68 -13.80
CA GLN D 76 15.03 -3.88 -14.83
C GLN D 76 14.44 -3.75 -16.21
N ARG D 77 13.26 -4.30 -16.41
CA ARG D 77 12.59 -4.22 -17.71
C ARG D 77 12.16 -2.80 -18.03
N VAL D 78 11.75 -2.05 -17.01
CA VAL D 78 11.34 -0.68 -17.23
C VAL D 78 12.59 0.17 -17.45
N ARG D 79 13.66 -0.15 -16.74
CA ARG D 79 14.90 0.58 -16.89
C ARG D 79 15.40 0.45 -18.32
N ASP D 80 15.46 -0.78 -18.82
CA ASP D 80 15.92 -1.02 -20.18
C ASP D 80 15.20 -0.19 -21.24
N ARG D 81 13.92 0.07 -21.02
CA ARG D 81 13.14 0.84 -21.99
C ARG D 81 13.15 2.35 -21.76
N ILE D 82 13.32 2.74 -20.51
CA ILE D 82 13.26 4.15 -20.12
C ILE D 82 14.60 4.82 -19.93
N ASP D 83 15.60 4.06 -19.52
CA ASP D 83 16.93 4.58 -19.26
C ASP D 83 17.86 3.36 -19.39
N PRO D 84 18.11 2.88 -20.61
CA PRO D 84 18.96 1.74 -20.92
C PRO D 84 20.17 1.61 -20.02
N GLN D 85 20.92 2.70 -19.91
CA GLN D 85 22.12 2.75 -19.09
C GLN D 85 21.76 3.30 -17.72
N ARG D 86 21.69 2.44 -16.72
CA ARG D 86 21.36 2.83 -15.38
C ARG D 86 21.49 1.59 -14.53
N ASP D 87 22.36 1.70 -13.54
CA ASP D 87 22.63 0.63 -12.62
C ASP D 87 21.62 0.65 -11.46
#